data_2WFL
#
_entry.id   2WFL
#
_cell.length_a   92.758
_cell.length_b   176.917
_cell.length_c   75.697
_cell.angle_alpha   90.00
_cell.angle_beta   90.00
_cell.angle_gamma   90.00
#
_symmetry.space_group_name_H-M   'C 2 2 21'
#
loop_
_entity.id
_entity.type
_entity.pdbx_description
1 polymer 'POLYNEURIDINE-ALDEHYDE ESTERASE'
2 polymer 'POLYNEURIDINE-ALDEHYDE ESTERASE'
3 non-polymer 'SULFATE ION'
4 water water
#
loop_
_entity_poly.entity_id
_entity_poly.type
_entity_poly.pdbx_seq_one_letter_code
_entity_poly.pdbx_strand_id
1 'polypeptide(L)'
;MHSAANAKQQKHFVLVHGGCLGAWIWYKLKPLLESAGHKVTAVDLSAAGINPRRLDEIHTFRDYSEPLMEVMASIPPDEK
VVLLGHSFGGMSLGLAMETYPEKISVAVFMSAMMPDPNHSLTYPFEKYNEKCPADMMLDSQFSTYGNPENPGMSMILGPQ
FMALKMFQNCSVEDLELAKMLTRPGSLFFQDLAKAKKFSTERYGSVKRAYIFCNEDKSFPVEFQKWFVESVGADKVKEIK
EADHMGMLSQPREV(CME)KCLLDISDS
;
A
2 'polypeptide(L)'
;MHSAANAKQQKHFVLVHGGCLGAWIWYKLKPLLESAGHKVTAVDLSAAGINPRRLDEIHTFRDYSEPLMEVMASIPPDEK
VVLLGHSFGGMSLGLAMETYPEKISVAVFMSAMMPDPNHSLTYPFEKYNEKCPADMMLDSQFSTYGNPENPGMSMILGPQ
FMALKMFQNCSVEDLELAKMLTRPGSLFFQDLAKAKKFSTERYGSVKRAYIFCNEDKSFPVEFQKWFVESVGADKVKEIK
EADHMGMLSQPREV(CME)K(CME)LLDISDS
;
B
#
loop_
_chem_comp.id
_chem_comp.type
_chem_comp.name
_chem_comp.formula
SO4 non-polymer 'SULFATE ION' 'O4 S -2'
#
# COMPACT_ATOMS: atom_id res chain seq x y z
N GLN A 9 20.48 20.00 13.49
CA GLN A 9 19.38 19.76 14.47
C GLN A 9 18.30 18.95 13.76
N GLN A 10 17.78 17.93 14.45
CA GLN A 10 16.87 17.01 13.82
C GLN A 10 15.48 17.63 13.65
N LYS A 11 14.95 17.56 12.43
CA LYS A 11 13.60 18.04 12.19
C LYS A 11 12.66 16.87 12.15
N HIS A 12 11.39 17.16 12.37
CA HIS A 12 10.35 16.19 12.28
C HIS A 12 9.41 16.63 11.16
N PHE A 13 9.50 15.93 10.03
CA PHE A 13 8.68 16.08 8.86
C PHE A 13 7.42 15.25 8.95
N VAL A 14 6.27 15.90 8.82
CA VAL A 14 5.03 15.20 8.77
C VAL A 14 4.57 15.33 7.34
N LEU A 15 4.41 14.18 6.67
CA LEU A 15 4.14 14.14 5.26
C LEU A 15 2.67 13.78 5.07
N VAL A 16 1.97 14.53 4.21
CA VAL A 16 0.54 14.37 4.02
C VAL A 16 0.20 14.20 2.56
N HIS A 17 -0.36 13.03 2.23
CA HIS A 17 -0.65 12.64 0.87
C HIS A 17 -1.89 13.35 0.38
N GLY A 18 -2.10 13.30 -0.93
CA GLY A 18 -3.27 13.92 -1.55
C GLY A 18 -4.42 12.94 -1.69
N GLY A 19 -5.42 13.31 -2.45
CA GLY A 19 -6.59 12.47 -2.44
C GLY A 19 -6.41 11.13 -3.09
N CYS A 20 -7.07 10.13 -2.53
CA CYS A 20 -7.07 8.77 -3.10
C CYS A 20 -5.73 8.05 -2.98
N LEU A 21 -4.79 8.61 -2.22
CA LEU A 21 -3.46 8.01 -2.10
C LEU A 21 -3.28 7.73 -0.66
N GLY A 22 -2.06 7.59 -0.16
CA GLY A 22 -1.91 7.17 1.26
C GLY A 22 -0.49 7.46 1.61
N ALA A 23 -0.11 7.14 2.83
CA ALA A 23 1.24 7.39 3.33
C ALA A 23 2.28 6.73 2.47
N TRP A 24 1.88 5.63 1.82
CA TRP A 24 2.80 4.80 1.05
C TRP A 24 3.45 5.57 -0.05
N ILE A 25 2.89 6.71 -0.46
CA ILE A 25 3.53 7.45 -1.54
C ILE A 25 4.89 7.98 -1.12
N TRP A 26 5.07 8.03 0.19
CA TRP A 26 6.25 8.66 0.77
C TRP A 26 7.30 7.61 1.01
N TYR A 27 7.09 6.43 0.47
CA TYR A 27 8.01 5.34 0.84
C TYR A 27 9.45 5.55 0.35
N LYS A 28 9.63 6.40 -0.63
CA LYS A 28 10.97 6.68 -1.10
C LYS A 28 11.52 7.89 -0.39
N LEU A 29 10.65 8.86 -0.10
CA LEU A 29 11.12 10.09 0.52
C LEU A 29 11.45 9.89 1.99
N LYS A 30 10.61 9.11 2.69
CA LYS A 30 10.77 8.94 4.09
C LYS A 30 12.19 8.40 4.47
N PRO A 31 12.64 7.28 3.82
CA PRO A 31 13.97 6.80 4.20
C PRO A 31 15.09 7.79 3.84
N LEU A 32 14.87 8.63 2.84
CA LEU A 32 15.88 9.60 2.47
C LEU A 32 15.92 10.64 3.58
N LEU A 33 14.77 11.09 4.05
CA LEU A 33 14.83 12.12 5.09
C LEU A 33 15.42 11.49 6.34
N GLU A 34 15.13 10.20 6.57
CA GLU A 34 15.65 9.54 7.76
C GLU A 34 17.16 9.32 7.69
N SER A 35 17.69 9.05 6.50
CA SER A 35 19.14 8.95 6.33
C SER A 35 19.81 10.28 6.52
N ALA A 36 19.09 11.37 6.26
CA ALA A 36 19.63 12.70 6.53
C ALA A 36 19.62 12.99 8.03
N GLY A 37 19.04 12.11 8.82
CA GLY A 37 19.12 12.26 10.27
C GLY A 37 17.82 12.76 10.86
N HIS A 38 16.76 12.80 10.06
CA HIS A 38 15.50 13.41 10.48
C HIS A 38 14.42 12.41 10.83
N LYS A 39 13.43 12.85 11.57
CA LYS A 39 12.28 12.01 11.94
C LYS A 39 11.14 12.32 10.97
N VAL A 40 10.38 11.30 10.59
CA VAL A 40 9.36 11.46 9.60
C VAL A 40 8.14 10.69 10.08
N THR A 41 6.98 11.35 10.00
CA THR A 41 5.69 10.69 10.19
C THR A 41 4.99 10.84 8.87
N ALA A 42 4.65 9.71 8.23
CA ALA A 42 3.86 9.74 7.03
C ALA A 42 2.53 9.17 7.44
N VAL A 43 1.52 10.00 7.32
CA VAL A 43 0.21 9.72 7.86
C VAL A 43 -0.75 9.18 6.77
N ASP A 44 -1.57 8.18 7.07
CA ASP A 44 -2.71 7.86 6.25
C ASP A 44 -3.87 8.69 6.79
N LEU A 45 -4.51 9.51 5.95
CA LEU A 45 -5.68 10.22 6.39
C LEU A 45 -6.80 9.21 6.40
N SER A 46 -7.97 9.60 6.87
CA SER A 46 -9.02 8.66 7.13
C SER A 46 -9.49 8.02 5.84
N ALA A 47 -9.64 6.70 5.86
CA ALA A 47 -10.07 5.94 4.69
C ALA A 47 -9.10 6.08 3.54
N ALA A 48 -7.84 6.42 3.83
CA ALA A 48 -6.80 6.47 2.81
C ALA A 48 -5.70 5.53 3.19
N GLY A 49 -4.94 5.11 2.20
CA GLY A 49 -3.90 4.14 2.43
C GLY A 49 -4.47 2.92 3.09
N ILE A 50 -3.90 2.46 4.21
CA ILE A 50 -4.53 1.34 4.92
C ILE A 50 -5.22 1.80 6.18
N ASN A 51 -5.58 3.07 6.26
CA ASN A 51 -6.38 3.52 7.35
C ASN A 51 -7.65 2.72 7.32
N PRO A 52 -8.11 2.22 8.50
CA PRO A 52 -9.13 1.21 8.48
C PRO A 52 -10.53 1.80 8.39
N ARG A 53 -10.66 3.10 8.24
CA ARG A 53 -12.00 3.61 8.03
C ARG A 53 -12.42 3.43 6.61
N ARG A 54 -13.72 3.46 6.43
CA ARG A 54 -14.33 3.56 5.12
C ARG A 54 -14.70 4.96 4.74
N LEU A 55 -14.58 5.25 3.45
CA LEU A 55 -14.90 6.56 2.98
C LEU A 55 -16.35 6.88 3.25
N ASP A 56 -17.24 5.92 3.01
CA ASP A 56 -18.66 6.20 3.24
C ASP A 56 -18.98 6.41 4.72
N GLU A 57 -17.97 6.40 5.57
CA GLU A 57 -18.24 6.81 6.92
C GLU A 57 -17.49 8.08 7.23
N ILE A 58 -16.79 8.64 6.24
CA ILE A 58 -16.13 9.89 6.49
C ILE A 58 -16.87 10.98 5.68
N HIS A 59 -17.50 11.93 6.39
CA HIS A 59 -18.34 12.94 5.79
C HIS A 59 -17.85 14.36 5.99
N THR A 60 -16.83 14.56 6.81
CA THR A 60 -16.39 15.92 7.05
C THR A 60 -14.94 15.95 6.78
N PHE A 61 -14.45 17.13 6.39
CA PHE A 61 -13.03 17.26 6.15
C PHE A 61 -12.17 17.15 7.43
N ARG A 62 -12.71 17.60 8.55
CA ARG A 62 -12.06 17.40 9.82
C ARG A 62 -11.92 15.92 10.14
N ASP A 63 -12.97 15.14 9.94
CA ASP A 63 -12.84 13.67 10.14
C ASP A 63 -11.79 13.07 9.18
N TYR A 64 -11.79 13.52 7.95
CA TYR A 64 -10.82 13.03 7.00
C TYR A 64 -9.41 13.35 7.51
N SER A 65 -9.24 14.56 8.06
CA SER A 65 -7.90 15.02 8.44
C SER A 65 -7.43 14.59 9.82
N GLU A 66 -8.31 13.92 10.54
CA GLU A 66 -8.06 13.56 11.94
C GLU A 66 -6.74 12.85 12.19
N PRO A 67 -6.35 11.88 11.33
CA PRO A 67 -5.03 11.28 11.62
C PRO A 67 -3.87 12.31 11.62
N LEU A 68 -3.95 13.32 10.78
CA LEU A 68 -2.96 14.39 10.85
C LEU A 68 -3.10 15.20 12.12
N MET A 69 -4.32 15.56 12.49
CA MET A 69 -4.55 16.34 13.70
C MET A 69 -4.06 15.60 14.96
N GLU A 70 -4.26 14.28 14.99
CA GLU A 70 -3.72 13.47 16.06
C GLU A 70 -2.22 13.56 16.12
N VAL A 71 -1.54 13.50 14.98
CA VAL A 71 -0.10 13.70 14.97
C VAL A 71 0.22 15.13 15.51
N MET A 72 -0.53 16.13 15.08
CA MET A 72 -0.31 17.49 15.57
C MET A 72 -0.55 17.59 17.07
N ALA A 73 -1.60 16.95 17.56
CA ALA A 73 -1.90 17.02 18.98
C ALA A 73 -0.80 16.35 19.79
N SER A 74 -0.05 15.44 19.18
CA SER A 74 1.00 14.75 19.97
C SER A 74 2.41 15.37 19.89
N ILE A 75 2.62 16.44 19.12
CA ILE A 75 3.93 17.12 19.12
C ILE A 75 4.15 17.62 20.51
N PRO A 76 5.28 17.24 21.16
CA PRO A 76 5.54 17.67 22.56
C PRO A 76 5.64 19.20 22.67
N PRO A 77 5.50 19.74 23.89
CA PRO A 77 5.62 21.16 24.20
C PRO A 77 6.75 21.93 23.49
N ASP A 78 7.97 21.40 23.48
CA ASP A 78 9.08 22.23 22.98
C ASP A 78 9.52 21.82 21.55
N GLU A 79 8.63 21.17 20.82
CA GLU A 79 8.97 20.76 19.47
C GLU A 79 8.04 21.37 18.44
N LYS A 80 8.50 21.35 17.19
CA LYS A 80 7.70 21.74 16.07
C LYS A 80 7.85 20.69 15.00
N VAL A 81 7.03 20.79 13.97
CA VAL A 81 7.19 19.92 12.82
C VAL A 81 7.30 20.75 11.55
N VAL A 82 7.84 20.10 10.51
CA VAL A 82 7.79 20.66 9.17
C VAL A 82 6.71 19.85 8.49
N LEU A 83 5.70 20.50 7.95
CA LEU A 83 4.65 19.76 7.26
C LEU A 83 4.97 19.74 5.79
N LEU A 84 4.69 18.64 5.10
CA LEU A 84 4.74 18.65 3.64
C LEU A 84 3.42 18.07 3.15
N GLY A 85 2.68 18.88 2.40
CA GLY A 85 1.37 18.47 1.90
C GLY A 85 1.40 18.37 0.39
N HIS A 86 1.00 17.20 -0.11
CA HIS A 86 0.89 16.92 -1.51
C HIS A 86 -0.57 17.07 -1.89
N SER A 87 -0.85 17.85 -2.92
CA SER A 87 -2.17 17.93 -3.52
C SER A 87 -3.18 18.32 -2.47
N PHE A 88 -4.29 17.60 -2.41
CA PHE A 88 -5.35 17.85 -1.41
C PHE A 88 -4.81 17.81 0.02
N GLY A 89 -3.67 17.15 0.20
CA GLY A 89 -3.01 17.18 1.53
C GLY A 89 -2.77 18.60 1.99
N GLY A 90 -2.64 19.55 1.06
CA GLY A 90 -2.47 20.95 1.41
C GLY A 90 -3.66 21.48 2.21
N MET A 91 -4.87 20.94 2.00
CA MET A 91 -6.00 21.46 2.77
C MET A 91 -5.91 20.99 4.21
N SER A 92 -5.35 19.77 4.41
CA SER A 92 -5.16 19.27 5.76
C SER A 92 -3.99 19.98 6.44
N LEU A 93 -2.92 20.31 5.71
CA LEU A 93 -1.99 21.32 6.23
C LEU A 93 -2.70 22.58 6.73
N GLY A 94 -3.58 23.19 5.93
CA GLY A 94 -4.21 24.43 6.36
C GLY A 94 -4.93 24.25 7.70
N LEU A 95 -5.64 23.13 7.85
CA LEU A 95 -6.35 22.84 9.07
C LEU A 95 -5.35 22.67 10.22
N ALA A 96 -4.24 21.99 9.96
CA ALA A 96 -3.18 21.84 10.96
C ALA A 96 -2.60 23.20 11.32
N MET A 97 -2.38 24.05 10.31
CA MET A 97 -1.85 25.41 10.51
C MET A 97 -2.83 26.32 11.23
N GLU A 98 -4.11 26.19 10.93
CA GLU A 98 -5.08 26.99 11.66
C GLU A 98 -5.15 26.52 13.12
N THR A 99 -5.01 25.22 13.35
CA THR A 99 -5.25 24.71 14.70
C THR A 99 -4.04 24.83 15.61
N TYR A 100 -2.89 24.45 15.05
CA TYR A 100 -1.62 24.40 15.77
C TYR A 100 -0.54 25.24 15.10
N PRO A 101 -0.79 26.54 14.86
CA PRO A 101 0.19 27.34 14.14
C PRO A 101 1.56 27.31 14.83
N GLU A 102 1.57 27.47 16.17
CA GLU A 102 2.80 27.38 16.96
C GLU A 102 3.57 26.08 16.92
N LYS A 103 2.99 25.03 16.35
CA LYS A 103 3.61 23.71 16.35
C LYS A 103 4.33 23.43 15.06
N ILE A 104 4.29 24.39 14.13
CA ILE A 104 4.75 24.15 12.76
C ILE A 104 5.86 25.16 12.46
N SER A 105 7.03 24.71 12.02
CA SER A 105 8.09 25.69 11.70
C SER A 105 7.88 26.22 10.27
N VAL A 106 7.53 25.33 9.37
CA VAL A 106 7.18 25.74 8.00
C VAL A 106 6.21 24.70 7.44
N ALA A 107 5.19 25.17 6.72
CA ALA A 107 4.25 24.30 6.06
C ALA A 107 4.63 24.33 4.59
N VAL A 108 5.03 23.17 4.06
CA VAL A 108 5.45 23.07 2.68
C VAL A 108 4.34 22.49 1.82
N PHE A 109 4.00 23.21 0.77
CA PHE A 109 3.02 22.70 -0.17
C PHE A 109 3.72 22.26 -1.46
N MET A 110 3.31 21.13 -1.97
CA MET A 110 3.91 20.65 -3.22
C MET A 110 2.82 20.12 -4.17
N SER A 111 2.72 20.67 -5.39
CA SER A 111 1.62 20.25 -6.27
C SER A 111 0.31 20.30 -5.49
N ALA A 112 0.15 21.38 -4.73
CA ALA A 112 -0.97 21.51 -3.81
C ALA A 112 -1.59 22.91 -3.91
N MET A 113 -2.90 23.00 -3.84
CA MET A 113 -3.55 24.29 -3.64
C MET A 113 -3.15 24.73 -2.23
N MET A 114 -2.65 25.94 -2.08
CA MET A 114 -2.38 26.49 -0.75
C MET A 114 -3.58 27.28 -0.35
N PRO A 115 -4.22 26.94 0.78
CA PRO A 115 -5.36 27.77 1.19
C PRO A 115 -5.04 29.28 1.28
N ASP A 116 -6.04 30.10 1.01
CA ASP A 116 -5.92 31.54 1.05
C ASP A 116 -6.83 31.94 2.17
N PRO A 117 -6.27 32.44 3.30
CA PRO A 117 -7.07 32.86 4.44
C PRO A 117 -7.98 34.06 4.12
N ASN A 118 -7.80 34.69 2.96
CA ASN A 118 -8.69 35.76 2.55
C ASN A 118 -10.00 35.23 2.00
N HIS A 119 -10.06 33.93 1.72
CA HIS A 119 -11.23 33.36 1.06
C HIS A 119 -11.79 32.11 1.73
N SER A 120 -13.00 31.73 1.34
CA SER A 120 -13.57 30.47 1.81
C SER A 120 -12.68 29.25 1.53
N LEU A 121 -12.99 28.17 2.24
CA LEU A 121 -12.28 26.92 2.08
C LEU A 121 -12.46 26.36 0.66
N THR A 122 -13.59 26.64 0.04
CA THR A 122 -13.90 26.08 -1.29
C THR A 122 -13.24 26.89 -2.41
N TYR A 123 -12.75 28.08 -2.06
CA TYR A 123 -12.25 28.99 -3.05
C TYR A 123 -11.19 28.35 -3.96
N PRO A 124 -10.24 27.61 -3.41
CA PRO A 124 -9.24 27.05 -4.36
C PRO A 124 -9.84 25.98 -5.30
N PHE A 125 -10.93 25.37 -4.87
CA PHE A 125 -11.63 24.38 -5.69
C PHE A 125 -12.47 25.08 -6.72
N GLU A 126 -13.18 26.12 -6.29
CA GLU A 126 -13.92 26.95 -7.22
C GLU A 126 -12.96 27.43 -8.32
N LYS A 127 -11.80 27.93 -7.94
CA LYS A 127 -10.76 28.33 -8.87
C LYS A 127 -10.28 27.19 -9.79
N TYR A 128 -9.85 26.08 -9.17
CA TYR A 128 -9.42 24.92 -9.96
C TYR A 128 -10.47 24.60 -10.99
N ASN A 129 -11.73 24.55 -10.59
CA ASN A 129 -12.71 24.04 -11.48
C ASN A 129 -13.33 25.13 -12.35
N GLU A 130 -12.60 26.25 -12.46
CA GLU A 130 -12.86 27.32 -13.43
C GLU A 130 -11.75 27.30 -14.45
N LYS A 131 -10.53 27.05 -14.00
CA LYS A 131 -9.39 27.10 -14.90
C LYS A 131 -9.11 25.81 -15.64
N CYS A 132 -9.77 24.73 -15.21
CA CYS A 132 -9.40 23.39 -15.68
C CYS A 132 -10.61 22.76 -16.34
N PRO A 133 -10.38 22.07 -17.47
CA PRO A 133 -11.49 21.50 -18.20
C PRO A 133 -12.26 20.43 -17.41
N ALA A 134 -13.51 20.26 -17.76
CA ALA A 134 -14.42 19.34 -17.08
C ALA A 134 -14.09 17.84 -17.26
N ASP A 135 -13.25 17.51 -18.26
CA ASP A 135 -12.81 16.14 -18.59
C ASP A 135 -11.34 15.85 -18.24
N MET A 136 -10.74 16.74 -17.47
CA MET A 136 -9.37 16.65 -17.05
C MET A 136 -9.06 15.32 -16.36
N MET A 137 -10.06 14.68 -15.76
CA MET A 137 -9.76 13.51 -14.98
C MET A 137 -9.96 12.18 -15.68
N LEU A 138 -10.27 12.28 -16.97
CA LEU A 138 -10.14 11.16 -17.89
C LEU A 138 -11.03 10.04 -17.44
N ASP A 139 -10.46 8.88 -17.15
CA ASP A 139 -11.25 7.72 -16.81
C ASP A 139 -11.60 7.63 -15.31
N SER A 140 -11.31 8.68 -14.55
CA SER A 140 -11.69 8.69 -13.10
C SER A 140 -13.20 8.76 -13.06
N GLN A 141 -13.81 8.40 -11.95
CA GLN A 141 -15.26 8.44 -11.88
C GLN A 141 -15.68 8.93 -10.53
N PHE A 142 -16.83 9.60 -10.51
CA PHE A 142 -17.34 10.26 -9.33
C PHE A 142 -18.67 9.69 -9.06
N SER A 143 -18.95 9.55 -7.78
CA SER A 143 -20.30 9.21 -7.31
C SER A 143 -20.59 9.83 -5.97
N THR A 144 -21.86 10.12 -5.73
CA THR A 144 -22.25 10.70 -4.44
C THR A 144 -22.38 9.62 -3.40
N TYR A 145 -22.30 10.03 -2.14
CA TYR A 145 -22.50 9.09 -1.07
C TYR A 145 -22.94 9.91 0.14
N GLY A 146 -23.27 9.24 1.22
CA GLY A 146 -23.53 9.94 2.47
C GLY A 146 -24.96 10.41 2.48
N ASN A 147 -25.18 11.53 3.15
CA ASN A 147 -26.53 11.98 3.38
C ASN A 147 -27.19 12.47 2.07
N PRO A 148 -28.26 11.78 1.63
CA PRO A 148 -28.96 12.14 0.38
C PRO A 148 -29.43 13.62 0.36
N GLU A 149 -29.65 14.19 1.54
CA GLU A 149 -30.09 15.58 1.70
C GLU A 149 -28.90 16.56 1.63
N ASN A 150 -27.69 15.99 1.64
CA ASN A 150 -26.45 16.76 1.62
C ASN A 150 -25.33 15.79 1.24
N PRO A 151 -25.34 15.34 -0.01
CA PRO A 151 -24.47 14.21 -0.32
C PRO A 151 -22.99 14.57 -0.38
N GLY A 152 -22.11 13.65 0.01
CA GLY A 152 -20.70 13.82 -0.34
C GLY A 152 -20.48 13.34 -1.76
N MET A 153 -19.29 13.61 -2.30
CA MET A 153 -18.90 13.15 -3.59
C MET A 153 -17.60 12.33 -3.46
N SER A 154 -17.63 11.07 -3.84
CA SER A 154 -16.39 10.34 -3.82
C SER A 154 -15.85 10.27 -5.23
N MET A 155 -14.58 9.93 -5.32
CA MET A 155 -13.94 9.73 -6.59
C MET A 155 -12.96 8.59 -6.54
N ILE A 156 -12.80 7.95 -7.68
CA ILE A 156 -11.76 6.95 -7.86
C ILE A 156 -10.93 7.40 -9.03
N LEU A 157 -9.60 7.31 -8.89
CA LEU A 157 -8.69 7.70 -9.95
C LEU A 157 -8.73 6.63 -11.01
N GLY A 158 -8.75 7.04 -12.29
CA GLY A 158 -8.72 6.08 -13.38
C GLY A 158 -7.27 5.72 -13.60
N PRO A 159 -7.03 4.52 -14.11
CA PRO A 159 -5.68 4.11 -14.31
C PRO A 159 -5.03 4.92 -15.45
N GLN A 160 -5.79 5.37 -16.45
CA GLN A 160 -5.20 6.23 -17.51
C GLN A 160 -4.89 7.59 -16.92
N PHE A 161 -5.77 8.09 -16.08
CA PHE A 161 -5.50 9.34 -15.41
C PHE A 161 -4.24 9.25 -14.55
N MET A 162 -4.16 8.23 -13.71
CA MET A 162 -2.94 7.98 -12.97
C MET A 162 -1.74 7.89 -13.88
N ALA A 163 -1.79 7.03 -14.91
CA ALA A 163 -0.63 6.78 -15.78
C ALA A 163 -0.19 8.02 -16.51
N LEU A 164 -1.15 8.79 -17.01
CA LEU A 164 -0.85 9.88 -17.93
C LEU A 164 -0.71 11.21 -17.22
N LYS A 165 -1.49 11.42 -16.18
CA LYS A 165 -1.55 12.70 -15.55
C LYS A 165 -0.96 12.82 -14.16
N MET A 166 -0.70 11.72 -13.49
CA MET A 166 -0.14 11.77 -12.15
C MET A 166 1.26 11.16 -12.08
N PHE A 167 1.45 10.02 -12.74
CA PHE A 167 2.69 9.24 -12.54
C PHE A 167 3.49 9.14 -13.80
N GLN A 168 3.24 10.02 -14.76
CA GLN A 168 3.90 9.84 -16.06
C GLN A 168 5.45 9.94 -15.99
N ASN A 169 6.03 10.49 -14.93
CA ASN A 169 7.53 10.56 -14.89
C ASN A 169 8.03 9.52 -13.88
N CYS A 170 7.11 8.75 -13.34
CA CYS A 170 7.45 7.74 -12.33
C CYS A 170 7.73 6.41 -13.01
N SER A 171 8.34 5.47 -12.30
CA SER A 171 8.50 4.13 -12.81
C SER A 171 7.16 3.40 -12.99
N VAL A 172 7.15 2.35 -13.83
CA VAL A 172 5.93 1.54 -14.00
C VAL A 172 5.61 0.86 -12.68
N GLU A 173 6.65 0.49 -11.93
CA GLU A 173 6.48 -0.08 -10.62
C GLU A 173 5.70 0.86 -9.71
N ASP A 174 6.04 2.16 -9.70
CA ASP A 174 5.27 3.09 -8.86
C ASP A 174 3.82 3.26 -9.30
N LEU A 175 3.61 3.32 -10.61
CA LEU A 175 2.26 3.34 -11.14
C LEU A 175 1.57 2.04 -10.74
N GLU A 176 2.27 0.90 -10.85
CA GLU A 176 1.64 -0.38 -10.44
C GLU A 176 1.16 -0.28 -8.99
N LEU A 177 2.00 0.31 -8.15
CA LEU A 177 1.72 0.37 -6.73
C LEU A 177 0.49 1.24 -6.54
N ALA A 178 0.45 2.34 -7.27
CA ALA A 178 -0.70 3.20 -7.21
C ALA A 178 -1.97 2.49 -7.66
N LYS A 179 -1.89 1.72 -8.74
CA LYS A 179 -3.09 0.98 -9.14
C LYS A 179 -3.53 -0.03 -8.10
N MET A 180 -2.57 -0.62 -7.40
CA MET A 180 -2.83 -1.62 -6.40
C MET A 180 -3.36 -1.05 -5.12
N LEU A 181 -3.12 0.23 -4.88
CA LEU A 181 -3.34 0.86 -3.55
C LEU A 181 -4.34 2.02 -3.51
N THR A 182 -4.65 2.64 -4.63
CA THR A 182 -5.50 3.84 -4.60
C THR A 182 -6.89 3.40 -4.18
N ARG A 183 -7.55 4.23 -3.35
CA ARG A 183 -8.87 3.96 -2.78
C ARG A 183 -9.77 5.15 -3.12
N PRO A 184 -11.10 4.96 -3.07
CA PRO A 184 -11.96 6.09 -3.31
C PRO A 184 -11.60 7.25 -2.33
N GLY A 185 -11.82 8.49 -2.77
CA GLY A 185 -11.49 9.61 -1.93
C GLY A 185 -12.55 10.63 -2.17
N SER A 186 -12.53 11.70 -1.39
CA SER A 186 -13.50 12.78 -1.52
C SER A 186 -12.75 14.08 -1.23
N LEU A 187 -13.22 15.16 -1.85
CA LEU A 187 -12.67 16.49 -1.60
C LEU A 187 -13.57 17.25 -0.64
N PHE A 188 -14.64 16.61 -0.19
CA PHE A 188 -15.47 17.14 0.90
C PHE A 188 -15.97 18.54 0.62
N PHE A 189 -16.16 18.82 -0.67
CA PHE A 189 -16.57 20.15 -1.11
C PHE A 189 -17.71 20.68 -0.28
N GLN A 190 -18.74 19.88 -0.11
CA GLN A 190 -19.91 20.40 0.52
C GLN A 190 -19.76 20.54 2.02
N ASP A 191 -18.81 19.83 2.59
CA ASP A 191 -18.51 20.10 3.99
C ASP A 191 -17.61 21.35 4.07
N LEU A 192 -16.64 21.44 3.17
CA LEU A 192 -15.76 22.60 3.11
C LEU A 192 -16.56 23.88 2.85
N ALA A 193 -17.65 23.78 2.09
CA ALA A 193 -18.52 24.92 1.84
C ALA A 193 -19.16 25.46 3.13
N LYS A 194 -19.19 24.66 4.19
CA LYS A 194 -19.72 25.14 5.48
C LYS A 194 -18.71 25.39 6.60
N ALA A 195 -17.45 25.04 6.39
CA ALA A 195 -16.36 25.37 7.32
C ALA A 195 -16.25 26.89 7.15
N LYS A 196 -16.16 27.54 8.29
CA LYS A 196 -15.07 28.25 8.88
C LYS A 196 -13.78 28.21 8.13
N LYS A 197 -13.52 29.32 7.52
CA LYS A 197 -12.33 29.58 6.74
C LYS A 197 -11.12 29.78 7.65
N PHE A 198 -9.93 29.59 7.09
CA PHE A 198 -8.71 29.78 7.86
C PHE A 198 -8.51 31.26 8.06
N SER A 199 -7.68 31.65 9.03
CA SER A 199 -7.51 33.05 9.33
C SER A 199 -6.07 33.49 9.09
N THR A 200 -5.85 34.78 8.80
CA THR A 200 -4.48 35.21 8.61
C THR A 200 -3.75 35.22 9.94
N GLU A 201 -4.51 35.41 11.00
CA GLU A 201 -3.96 35.42 12.32
C GLU A 201 -3.32 34.07 12.70
N ARG A 202 -3.95 32.98 12.29
CA ARG A 202 -3.49 31.66 12.72
C ARG A 202 -2.83 30.89 11.59
N TYR A 203 -3.63 30.37 10.66
CA TYR A 203 -3.08 29.76 9.46
C TYR A 203 -2.01 30.66 8.82
N GLY A 204 -2.31 31.95 8.73
CA GLY A 204 -1.44 32.88 8.04
C GLY A 204 -0.20 33.27 8.80
N SER A 205 -0.11 32.90 10.08
CA SER A 205 1.10 33.14 10.86
C SER A 205 2.19 32.13 10.52
N VAL A 206 1.81 31.06 9.83
CA VAL A 206 2.72 29.93 9.65
C VAL A 206 3.51 30.14 8.36
N LYS A 207 4.84 30.05 8.47
CA LYS A 207 5.68 30.12 7.30
C LYS A 207 5.24 29.10 6.25
N ARG A 208 5.02 29.56 5.02
CA ARG A 208 4.68 28.67 3.91
C ARG A 208 5.82 28.51 2.91
N ALA A 209 6.00 27.31 2.38
CA ALA A 209 6.95 27.13 1.30
C ALA A 209 6.26 26.36 0.15
N TYR A 210 6.67 26.59 -1.09
CA TYR A 210 6.08 25.86 -2.19
C TYR A 210 7.13 25.11 -2.97
N ILE A 211 6.90 23.84 -3.24
CA ILE A 211 7.78 23.16 -4.14
C ILE A 211 7.00 22.97 -5.43
N PHE A 212 7.42 23.67 -6.48
CA PHE A 212 6.86 23.48 -7.80
C PHE A 212 7.33 22.15 -8.38
N CYS A 213 6.39 21.50 -9.06
CA CYS A 213 6.66 20.28 -9.82
C CYS A 213 6.21 20.61 -11.21
N ASN A 214 7.22 20.90 -12.04
CA ASN A 214 7.02 21.55 -13.30
C ASN A 214 6.32 20.68 -14.34
N GLU A 215 6.41 19.37 -14.18
CA GLU A 215 5.80 18.49 -15.19
C GLU A 215 4.55 17.85 -14.65
N ASP A 216 3.97 18.46 -13.61
CA ASP A 216 2.76 17.98 -13.02
C ASP A 216 1.68 18.25 -14.06
N LYS A 217 0.98 17.21 -14.49
CA LYS A 217 -0.04 17.35 -15.54
C LYS A 217 -1.42 17.30 -14.94
N SER A 218 -1.43 17.04 -13.65
CA SER A 218 -2.68 16.98 -12.96
C SER A 218 -3.03 18.34 -12.32
N PHE A 219 -1.99 19.01 -11.82
CA PHE A 219 -2.12 20.32 -11.21
C PHE A 219 -1.00 21.10 -11.83
N PRO A 220 -1.24 21.69 -13.01
CA PRO A 220 -0.20 22.21 -13.87
C PRO A 220 0.60 23.32 -13.21
N VAL A 221 1.85 23.53 -13.65
CA VAL A 221 2.76 24.44 -12.96
C VAL A 221 2.24 25.88 -13.02
N GLU A 222 1.66 26.27 -14.14
CA GLU A 222 1.08 27.63 -14.24
C GLU A 222 0.01 27.86 -13.18
N PHE A 223 -0.68 26.79 -12.76
CA PHE A 223 -1.68 26.91 -11.71
C PHE A 223 -1.03 26.91 -10.31
N GLN A 224 0.05 26.14 -10.16
CA GLN A 224 0.86 26.17 -8.94
C GLN A 224 1.40 27.58 -8.73
N LYS A 225 1.83 28.18 -9.82
CA LYS A 225 2.45 29.48 -9.77
C LYS A 225 1.41 30.52 -9.44
N TRP A 226 0.18 30.27 -9.91
CA TRP A 226 -0.90 31.19 -9.65
C TRP A 226 -1.22 31.18 -8.15
N PHE A 227 -1.21 30.01 -7.49
CA PHE A 227 -1.42 29.94 -6.05
C PHE A 227 -0.32 30.65 -5.31
N VAL A 228 0.93 30.43 -5.72
CA VAL A 228 2.02 31.12 -5.09
C VAL A 228 1.95 32.63 -5.32
N GLU A 229 1.64 33.05 -6.55
CA GLU A 229 1.49 34.45 -6.87
C GLU A 229 0.38 35.09 -6.05
N SER A 230 -0.79 34.45 -6.02
CA SER A 230 -1.96 35.13 -5.40
C SER A 230 -2.01 35.03 -3.88
N VAL A 231 -1.43 33.95 -3.35
CA VAL A 231 -1.47 33.64 -1.92
C VAL A 231 -0.14 34.01 -1.26
N GLY A 232 0.97 33.75 -1.94
CA GLY A 232 2.28 34.10 -1.41
C GLY A 232 2.90 32.94 -0.66
N ALA A 233 4.23 32.83 -0.74
CA ALA A 233 4.95 31.84 0.04
C ALA A 233 6.28 32.46 0.43
N ASP A 234 6.84 32.02 1.55
CA ASP A 234 8.09 32.60 2.04
C ASP A 234 9.29 32.05 1.30
N LYS A 235 9.19 30.82 0.80
CA LYS A 235 10.26 30.13 0.07
C LYS A 235 9.57 29.36 -1.04
N VAL A 236 10.19 29.33 -2.22
CA VAL A 236 9.69 28.50 -3.32
C VAL A 236 10.89 27.73 -3.84
N LYS A 237 10.68 26.46 -4.18
CA LYS A 237 11.69 25.67 -4.86
C LYS A 237 11.00 25.10 -6.06
N GLU A 238 11.76 24.71 -7.08
CA GLU A 238 11.19 23.98 -8.21
C GLU A 238 11.96 22.69 -8.48
N ILE A 239 11.22 21.68 -8.91
CA ILE A 239 11.78 20.42 -9.35
C ILE A 239 11.33 20.32 -10.79
N LYS A 240 12.26 20.58 -11.69
CA LYS A 240 11.91 20.67 -13.07
C LYS A 240 11.20 19.46 -13.67
N GLU A 241 11.58 18.25 -13.29
CA GLU A 241 11.03 17.05 -13.95
C GLU A 241 10.21 16.20 -13.03
N ALA A 242 9.65 16.85 -11.99
CA ALA A 242 8.69 16.17 -11.18
C ALA A 242 7.33 16.23 -11.88
N ASP A 243 6.63 15.09 -11.87
CA ASP A 243 5.25 15.05 -12.28
C ASP A 243 4.46 15.32 -11.01
N HIS A 244 3.16 15.00 -11.04
CA HIS A 244 2.33 15.21 -9.89
C HIS A 244 2.82 14.50 -8.65
N MET A 245 3.55 13.41 -8.84
CA MET A 245 3.99 12.57 -7.74
C MET A 245 5.48 12.78 -7.55
N GLY A 246 5.84 14.00 -7.11
CA GLY A 246 7.25 14.40 -7.13
C GLY A 246 8.05 13.58 -6.15
N MET A 247 7.38 13.13 -5.07
CA MET A 247 8.05 12.29 -4.10
C MET A 247 8.36 10.90 -4.67
N LEU A 248 7.78 10.56 -5.83
CA LEU A 248 8.06 9.25 -6.46
C LEU A 248 8.84 9.41 -7.76
N SER A 249 8.61 10.50 -8.49
CA SER A 249 9.40 10.70 -9.69
C SER A 249 10.74 11.35 -9.39
N GLN A 250 10.76 12.22 -8.38
CA GLN A 250 12.00 12.93 -7.99
C GLN A 250 12.26 12.98 -6.46
N PRO A 251 12.30 11.80 -5.80
CA PRO A 251 12.32 11.77 -4.33
C PRO A 251 13.56 12.46 -3.79
N ARG A 252 14.71 12.31 -4.44
CA ARG A 252 15.92 12.98 -3.96
C ARG A 252 15.81 14.51 -4.03
N GLU A 253 15.20 15.00 -5.11
CA GLU A 253 14.99 16.44 -5.25
C GLU A 253 14.02 16.97 -4.19
N VAL A 254 12.97 16.22 -3.94
CA VAL A 254 12.02 16.58 -2.91
C VAL A 254 12.76 16.60 -1.60
N CME A 255 13.52 15.60 -1.38
CA CME A 255 14.31 15.57 -0.12
CB CME A 255 15.11 14.27 -0.05
SG CME A 255 16.14 14.14 1.45
SD CME A 255 17.88 15.11 1.04
CE CME A 255 18.82 14.19 -0.26
CZ CME A 255 18.55 12.71 -0.48
OH CME A 255 19.58 12.07 0.28
C CME A 255 15.27 16.77 -0.06
O CME A 255 15.23 17.57 0.90
N LYS A 256 15.99 17.10 -1.04
CA LYS A 256 16.88 18.29 -1.05
C LYS A 256 16.11 19.60 -0.90
N CYS A 257 14.99 19.73 -1.58
CA CYS A 257 14.18 20.96 -1.47
C CYS A 257 13.67 21.15 -0.06
N LEU A 258 13.29 20.04 0.55
CA LEU A 258 12.70 20.01 1.88
C LEU A 258 13.74 20.39 2.91
N LEU A 259 14.89 19.74 2.86
CA LEU A 259 15.98 20.09 3.75
C LEU A 259 16.39 21.52 3.52
N ASP A 260 16.35 21.97 2.27
CA ASP A 260 16.76 23.34 1.94
C ASP A 260 15.83 24.28 2.67
N ILE A 261 14.54 24.09 2.41
CA ILE A 261 13.49 24.92 2.96
C ILE A 261 13.50 24.93 4.49
N SER A 262 13.80 23.78 5.07
CA SER A 262 13.71 23.60 6.51
C SER A 262 14.96 24.04 7.28
N ASP A 263 16.12 24.07 6.62
CA ASP A 263 17.38 24.21 7.39
C ASP A 263 17.72 25.68 7.44
N GLN B 9 3.07 -18.22 -26.12
CA GLN B 9 1.65 -18.26 -25.66
C GLN B 9 1.51 -17.52 -24.32
N GLN B 10 0.51 -16.64 -24.20
CA GLN B 10 0.36 -15.82 -23.02
C GLN B 10 -0.17 -16.58 -21.79
N LYS B 11 0.52 -16.40 -20.67
CA LYS B 11 0.11 -17.06 -19.47
C LYS B 11 -0.60 -16.02 -18.62
N HIS B 12 -1.41 -16.52 -17.69
CA HIS B 12 -2.04 -15.67 -16.72
C HIS B 12 -1.55 -16.15 -15.35
N PHE B 13 -0.72 -15.31 -14.72
CA PHE B 13 -0.17 -15.58 -13.42
C PHE B 13 -1.06 -14.94 -12.39
N VAL B 14 -1.40 -15.70 -11.35
CA VAL B 14 -2.17 -15.16 -10.28
C VAL B 14 -1.26 -15.25 -9.07
N LEU B 15 -0.96 -14.09 -8.49
CA LEU B 15 0.07 -13.94 -7.50
C LEU B 15 -0.67 -13.77 -6.19
N VAL B 16 -0.23 -14.55 -5.20
CA VAL B 16 -0.98 -14.61 -3.93
C VAL B 16 0.00 -14.37 -2.75
N HIS B 17 -0.17 -13.21 -2.09
CA HIS B 17 0.69 -12.78 -0.99
C HIS B 17 0.52 -13.60 0.27
N GLY B 18 1.49 -13.47 1.18
CA GLY B 18 1.52 -14.17 2.45
C GLY B 18 0.79 -13.39 3.50
N GLY B 19 0.75 -13.90 4.72
CA GLY B 19 0.04 -13.17 5.78
C GLY B 19 0.55 -11.76 6.06
N CYS B 20 -0.39 -10.85 6.33
CA CYS B 20 -0.07 -9.48 6.73
C CYS B 20 0.47 -8.63 5.58
N LEU B 21 0.44 -9.17 4.39
CA LEU B 21 0.88 -8.41 3.26
C LEU B 21 -0.29 -8.23 2.32
N GLY B 22 -0.04 -7.99 1.03
CA GLY B 22 -1.13 -7.64 0.13
C GLY B 22 -0.62 -7.70 -1.29
N ALA B 23 -1.49 -7.41 -2.25
CA ALA B 23 -1.09 -7.49 -3.67
C ALA B 23 0.10 -6.57 -3.91
N TRP B 24 0.27 -5.54 -3.08
CA TRP B 24 1.34 -4.55 -3.34
C TRP B 24 2.73 -5.16 -3.31
N ILE B 25 2.87 -6.32 -2.69
CA ILE B 25 4.20 -6.93 -2.69
C ILE B 25 4.65 -7.28 -4.06
N TRP B 26 3.71 -7.37 -4.98
CA TRP B 26 4.05 -7.84 -6.32
C TRP B 26 4.26 -6.70 -7.27
N TYR B 27 4.45 -5.51 -6.73
CA TYR B 27 4.45 -4.32 -7.55
C TYR B 27 5.65 -4.28 -8.43
N LYS B 28 6.70 -5.02 -8.08
CA LYS B 28 7.86 -5.09 -8.99
C LYS B 28 7.72 -6.28 -9.92
N LEU B 29 7.23 -7.42 -9.44
CA LEU B 29 7.13 -8.61 -10.30
C LEU B 29 6.03 -8.51 -11.38
N LYS B 30 4.89 -7.91 -11.02
CA LYS B 30 3.77 -7.81 -11.92
C LYS B 30 4.19 -7.12 -13.24
N PRO B 31 4.77 -5.92 -13.17
CA PRO B 31 5.21 -5.26 -14.39
C PRO B 31 6.20 -6.06 -15.21
N LEU B 32 7.04 -6.84 -14.54
CA LEU B 32 8.06 -7.63 -15.24
C LEU B 32 7.34 -8.70 -16.03
N LEU B 33 6.41 -9.41 -15.40
CA LEU B 33 5.69 -10.46 -16.10
C LEU B 33 4.89 -9.89 -17.24
N GLU B 34 4.34 -8.69 -17.06
CA GLU B 34 3.60 -8.03 -18.13
C GLU B 34 4.47 -7.59 -19.25
N SER B 35 5.68 -7.13 -18.93
CA SER B 35 6.62 -6.82 -20.03
C SER B 35 7.02 -8.07 -20.83
N ALA B 36 7.01 -9.21 -20.18
CA ALA B 36 7.31 -10.46 -20.89
C ALA B 36 6.12 -10.92 -21.72
N GLY B 37 4.99 -10.22 -21.65
CA GLY B 37 3.85 -10.51 -22.54
C GLY B 37 2.69 -11.17 -21.84
N HIS B 38 2.73 -11.25 -20.50
CA HIS B 38 1.82 -12.11 -19.78
C HIS B 38 0.79 -11.31 -18.99
N LYS B 39 -0.27 -11.97 -18.57
CA LYS B 39 -1.33 -11.32 -17.84
C LYS B 39 -1.10 -11.68 -16.38
N VAL B 40 -1.38 -10.74 -15.46
CA VAL B 40 -1.08 -10.96 -14.08
C VAL B 40 -2.28 -10.49 -13.27
N THR B 41 -2.69 -11.33 -12.35
CA THR B 41 -3.66 -10.89 -11.35
C THR B 41 -2.95 -10.97 -10.01
N ALA B 42 -2.87 -9.84 -9.32
CA ALA B 42 -2.28 -9.83 -8.01
C ALA B 42 -3.43 -9.51 -7.05
N VAL B 43 -3.84 -10.50 -6.28
CA VAL B 43 -5.03 -10.33 -5.48
C VAL B 43 -4.68 -9.82 -4.09
N ASP B 44 -5.60 -9.05 -3.51
CA ASP B 44 -5.57 -8.81 -2.08
C ASP B 44 -6.50 -9.83 -1.45
N LEU B 45 -6.04 -10.60 -0.49
CA LEU B 45 -6.92 -11.53 0.15
C LEU B 45 -7.70 -10.71 1.16
N SER B 46 -8.70 -11.32 1.77
CA SER B 46 -9.64 -10.53 2.56
C SER B 46 -8.91 -9.87 3.73
N ALA B 47 -9.22 -8.59 3.97
CA ALA B 47 -8.64 -7.80 5.05
C ALA B 47 -7.13 -7.68 4.87
N ALA B 48 -6.66 -7.86 3.64
CA ALA B 48 -5.24 -7.64 3.32
C ALA B 48 -5.10 -6.56 2.27
N GLY B 49 -3.92 -5.93 2.19
CA GLY B 49 -3.73 -4.83 1.26
C GLY B 49 -4.85 -3.83 1.38
N ILE B 50 -5.50 -3.46 0.29
CA ILE B 50 -6.54 -2.50 0.43
C ILE B 50 -7.94 -3.15 0.36
N ASN B 51 -8.01 -4.46 0.51
CA ASN B 51 -9.28 -5.12 0.57
C ASN B 51 -9.96 -4.49 1.80
N PRO B 52 -11.22 -4.03 1.61
CA PRO B 52 -11.94 -3.23 2.53
C PRO B 52 -12.49 -3.99 3.72
N ARG B 53 -12.31 -5.30 3.75
CA ARG B 53 -12.88 -6.09 4.85
C ARG B 53 -11.93 -5.88 6.04
N ARG B 54 -12.44 -6.11 7.23
CA ARG B 54 -11.69 -6.09 8.46
C ARG B 54 -11.55 -7.54 8.92
N LEU B 55 -10.48 -7.86 9.63
CA LEU B 55 -10.16 -9.25 9.86
C LEU B 55 -11.29 -9.91 10.69
N ASP B 56 -11.96 -9.14 11.56
CA ASP B 56 -13.01 -9.72 12.39
C ASP B 56 -14.23 -10.19 11.60
N GLU B 57 -14.33 -9.74 10.37
CA GLU B 57 -15.42 -10.12 9.51
C GLU B 57 -15.11 -11.38 8.73
N ILE B 58 -13.85 -11.79 8.76
CA ILE B 58 -13.35 -12.88 7.97
C ILE B 58 -13.37 -14.09 8.91
N HIS B 59 -14.42 -14.88 8.89
CA HIS B 59 -14.56 -15.96 9.88
C HIS B 59 -13.75 -17.23 9.60
N THR B 60 -13.39 -17.46 8.34
CA THR B 60 -12.82 -18.73 7.98
C THR B 60 -11.70 -18.51 7.01
N PHE B 61 -10.85 -19.52 6.86
CA PHE B 61 -9.77 -19.41 5.90
C PHE B 61 -10.33 -19.28 4.47
N ARG B 62 -11.47 -19.91 4.25
CA ARG B 62 -12.17 -19.84 2.99
C ARG B 62 -12.60 -18.41 2.69
N ASP B 63 -13.13 -17.71 3.70
CA ASP B 63 -13.49 -16.29 3.58
C ASP B 63 -12.24 -15.47 3.29
N TYR B 64 -11.14 -15.81 3.98
CA TYR B 64 -9.89 -15.10 3.76
C TYR B 64 -9.44 -15.25 2.31
N SER B 65 -9.57 -16.47 1.77
CA SER B 65 -9.09 -16.80 0.42
C SER B 65 -10.06 -16.43 -0.68
N GLU B 66 -11.23 -15.92 -0.31
CA GLU B 66 -12.31 -15.65 -1.28
C GLU B 66 -11.84 -14.79 -2.48
N PRO B 67 -11.04 -13.73 -2.27
CA PRO B 67 -10.63 -12.98 -3.46
C PRO B 67 -9.86 -13.80 -4.44
N LEU B 68 -9.05 -14.77 -3.97
CA LEU B 68 -8.41 -15.71 -4.88
C LEU B 68 -9.41 -16.64 -5.57
N MET B 69 -10.35 -17.16 -4.80
CA MET B 69 -11.35 -18.09 -5.32
C MET B 69 -12.24 -17.42 -6.37
N GLU B 70 -12.56 -16.14 -6.16
CA GLU B 70 -13.35 -15.39 -7.12
C GLU B 70 -12.53 -15.31 -8.42
N VAL B 71 -11.22 -15.08 -8.29
CA VAL B 71 -10.36 -15.06 -9.46
C VAL B 71 -10.41 -16.44 -10.14
N MET B 72 -10.36 -17.49 -9.34
CA MET B 72 -10.44 -18.85 -9.89
C MET B 72 -11.77 -19.10 -10.62
N ALA B 73 -12.87 -18.65 -10.02
CA ALA B 73 -14.18 -18.90 -10.55
C ALA B 73 -14.31 -18.16 -11.88
N SER B 74 -13.54 -17.11 -12.05
CA SER B 74 -13.74 -16.31 -13.24
C SER B 74 -12.82 -16.69 -14.42
N ILE B 75 -11.93 -17.66 -14.23
CA ILE B 75 -11.13 -18.17 -15.37
C ILE B 75 -12.05 -18.76 -16.42
N PRO B 76 -11.96 -18.29 -17.69
CA PRO B 76 -12.86 -18.75 -18.74
C PRO B 76 -12.67 -20.25 -19.03
N PRO B 77 -13.68 -20.88 -19.65
CA PRO B 77 -13.71 -22.31 -19.93
C PRO B 77 -12.41 -22.86 -20.50
N ASP B 78 -11.79 -22.17 -21.45
CA ASP B 78 -10.66 -22.81 -22.12
C ASP B 78 -9.28 -22.27 -21.68
N GLU B 79 -9.23 -21.64 -20.51
CA GLU B 79 -8.01 -21.09 -19.96
C GLU B 79 -7.61 -21.71 -18.63
N LYS B 80 -6.34 -21.49 -18.29
CA LYS B 80 -5.79 -21.92 -17.03
C LYS B 80 -4.98 -20.77 -16.49
N VAL B 81 -4.54 -20.89 -15.25
CA VAL B 81 -3.65 -19.90 -14.68
C VAL B 81 -2.42 -20.57 -14.11
N VAL B 82 -1.38 -19.78 -13.89
CA VAL B 82 -0.23 -20.20 -13.13
C VAL B 82 -0.41 -19.51 -11.80
N LEU B 83 -0.46 -20.27 -10.73
CA LEU B 83 -0.57 -19.65 -9.39
C LEU B 83 0.83 -19.43 -8.84
N LEU B 84 1.09 -18.29 -8.23
CA LEU B 84 2.30 -18.15 -7.39
C LEU B 84 1.89 -17.71 -5.98
N GLY B 85 2.24 -18.53 -4.98
CA GLY B 85 1.85 -18.23 -3.62
C GLY B 85 3.10 -18.07 -2.78
N HIS B 86 3.11 -16.99 -2.01
CA HIS B 86 4.16 -16.63 -1.11
C HIS B 86 3.72 -16.92 0.29
N SER B 87 4.59 -17.56 1.05
CA SER B 87 4.38 -17.82 2.43
C SER B 87 2.97 -18.42 2.65
N PHE B 88 2.21 -17.87 3.58
CA PHE B 88 0.86 -18.35 3.86
C PHE B 88 -0.06 -18.35 2.61
N GLY B 89 0.31 -17.59 1.57
CA GLY B 89 -0.48 -17.61 0.36
C GLY B 89 -0.46 -19.05 -0.20
N GLY B 90 0.47 -19.91 0.24
CA GLY B 90 0.51 -21.28 -0.35
C GLY B 90 -0.68 -22.08 0.13
N MET B 91 -1.24 -21.75 1.30
CA MET B 91 -2.50 -22.34 1.76
C MET B 91 -3.71 -22.01 0.91
N SER B 92 -3.77 -20.78 0.45
CA SER B 92 -4.82 -20.38 -0.48
C SER B 92 -4.62 -21.04 -1.85
N LEU B 93 -3.38 -21.22 -2.27
CA LEU B 93 -3.15 -22.01 -3.47
C LEU B 93 -3.73 -23.38 -3.28
N GLY B 94 -3.48 -23.99 -2.12
CA GLY B 94 -3.95 -25.31 -1.84
C GLY B 94 -5.45 -25.39 -2.05
N LEU B 95 -6.16 -24.41 -1.51
CA LEU B 95 -7.61 -24.37 -1.60
C LEU B 95 -8.03 -24.20 -3.07
N ALA B 96 -7.34 -23.35 -3.79
CA ALA B 96 -7.62 -23.17 -5.20
C ALA B 96 -7.39 -24.47 -5.94
N MET B 97 -6.34 -25.19 -5.58
CA MET B 97 -5.98 -26.42 -6.28
C MET B 97 -6.99 -27.49 -5.94
N GLU B 98 -7.44 -27.52 -4.69
CA GLU B 98 -8.42 -28.53 -4.32
C GLU B 98 -9.73 -28.25 -5.04
N THR B 99 -10.05 -26.97 -5.27
CA THR B 99 -11.37 -26.58 -5.79
C THR B 99 -11.42 -26.54 -7.30
N TYR B 100 -10.35 -26.01 -7.91
CA TYR B 100 -10.26 -25.83 -9.37
C TYR B 100 -8.99 -26.44 -9.98
N PRO B 101 -8.73 -27.73 -9.70
CA PRO B 101 -7.50 -28.30 -10.14
C PRO B 101 -7.31 -28.16 -11.66
N GLU B 102 -8.40 -28.39 -12.40
CA GLU B 102 -8.38 -28.29 -13.86
C GLU B 102 -8.11 -26.87 -14.41
N LYS B 103 -8.08 -25.86 -13.55
CA LYS B 103 -7.99 -24.48 -14.03
C LYS B 103 -6.56 -23.99 -13.87
N ILE B 104 -5.72 -24.87 -13.34
CA ILE B 104 -4.36 -24.49 -12.94
C ILE B 104 -3.35 -25.30 -13.72
N SER B 105 -2.44 -24.65 -14.45
CA SER B 105 -1.40 -25.40 -15.16
C SER B 105 -0.29 -25.80 -14.19
N VAL B 106 0.19 -24.85 -13.40
CA VAL B 106 1.15 -25.18 -12.34
C VAL B 106 0.91 -24.25 -11.16
N ALA B 107 1.01 -24.79 -9.95
CA ALA B 107 0.92 -23.99 -8.77
C ALA B 107 2.36 -23.87 -8.28
N VAL B 108 2.84 -22.65 -8.12
CA VAL B 108 4.23 -22.40 -7.73
C VAL B 108 4.20 -21.89 -6.31
N PHE B 109 5.02 -22.50 -5.47
CA PHE B 109 5.14 -22.07 -4.10
C PHE B 109 6.54 -21.44 -3.92
N MET B 110 6.57 -20.30 -3.24
CA MET B 110 7.82 -19.65 -2.98
C MET B 110 7.86 -19.25 -1.54
N SER B 111 8.87 -19.67 -0.78
CA SER B 111 8.93 -19.33 0.64
C SER B 111 7.55 -19.59 1.27
N ALA B 112 6.93 -20.69 0.85
CA ALA B 112 5.58 -21.08 1.30
C ALA B 112 5.61 -22.53 1.75
N MET B 113 4.83 -22.84 2.76
CA MET B 113 4.61 -24.22 3.17
C MET B 113 3.71 -24.77 2.09
N MET B 114 4.05 -25.95 1.57
CA MET B 114 3.16 -26.62 0.59
C MET B 114 2.23 -27.52 1.36
N PRO B 115 0.92 -27.40 1.11
CA PRO B 115 0.01 -28.27 1.80
C PRO B 115 0.27 -29.75 1.51
N ASP B 116 -0.08 -30.59 2.46
CA ASP B 116 0.12 -32.03 2.28
C ASP B 116 -1.21 -32.70 2.48
N PRO B 117 -1.74 -33.31 1.42
CA PRO B 117 -2.99 -34.04 1.56
C PRO B 117 -2.96 -35.16 2.63
N ASN B 118 -1.78 -35.62 3.05
CA ASN B 118 -1.73 -36.66 4.09
C ASN B 118 -1.90 -36.13 5.48
N HIS B 119 -1.77 -34.81 5.62
CA HIS B 119 -1.83 -34.21 6.93
C HIS B 119 -2.92 -33.15 6.91
N SER B 120 -3.41 -32.81 8.10
CA SER B 120 -4.45 -31.80 8.21
C SER B 120 -3.88 -30.47 7.76
N LEU B 121 -4.75 -29.46 7.66
CA LEU B 121 -4.32 -28.16 7.17
C LEU B 121 -3.43 -27.44 8.18
N THR B 122 -3.54 -27.80 9.46
CA THR B 122 -2.74 -27.14 10.50
C THR B 122 -1.37 -27.76 10.65
N TYR B 123 -1.19 -28.91 10.02
CA TYR B 123 0.07 -29.63 10.13
C TYR B 123 1.35 -28.82 9.86
N PRO B 124 1.41 -28.06 8.74
CA PRO B 124 2.60 -27.28 8.41
C PRO B 124 2.91 -26.28 9.51
N PHE B 125 1.86 -25.74 10.13
CA PHE B 125 1.99 -24.77 11.21
C PHE B 125 2.52 -25.41 12.46
N GLU B 126 1.98 -26.58 12.78
CA GLU B 126 2.48 -27.38 13.87
C GLU B 126 3.96 -27.68 13.65
N LYS B 127 4.34 -28.02 12.42
CA LYS B 127 5.73 -28.36 12.11
C LYS B 127 6.66 -27.15 12.31
N TYR B 128 6.21 -26.00 11.80
CA TYR B 128 6.96 -24.78 11.95
C TYR B 128 7.13 -24.52 13.45
N ASN B 129 6.06 -24.69 14.21
CA ASN B 129 6.12 -24.42 15.62
C ASN B 129 7.14 -25.34 16.29
N GLU B 130 7.23 -26.55 15.76
CA GLU B 130 8.08 -27.58 16.32
C GLU B 130 9.55 -27.37 15.95
N LYS B 131 9.81 -27.12 14.68
CA LYS B 131 11.17 -27.09 14.20
C LYS B 131 11.80 -25.71 14.43
N CYS B 132 10.97 -24.70 14.66
CA CYS B 132 11.49 -23.32 14.75
C CYS B 132 11.62 -22.80 16.19
N PRO B 133 12.68 -21.98 16.43
CA PRO B 133 12.91 -21.16 17.64
C PRO B 133 11.63 -20.53 18.20
N ALA B 134 11.51 -20.44 19.53
CA ALA B 134 10.24 -19.97 20.15
C ALA B 134 9.84 -18.52 19.84
N ASP B 135 10.84 -17.66 19.66
CA ASP B 135 10.60 -16.23 19.40
C ASP B 135 10.93 -15.89 17.92
N MET B 136 10.53 -16.77 17.02
CA MET B 136 10.88 -16.65 15.62
C MET B 136 10.41 -15.32 15.05
N MET B 137 9.28 -14.82 15.57
CA MET B 137 8.58 -13.63 14.99
C MET B 137 9.04 -12.38 15.64
N LEU B 138 10.02 -12.53 16.53
CA LEU B 138 10.71 -11.39 17.15
C LEU B 138 9.78 -10.40 17.82
N ASP B 139 9.78 -9.14 17.37
CA ASP B 139 8.94 -8.18 17.97
C ASP B 139 7.51 -8.10 17.38
N SER B 140 7.07 -9.12 16.63
CA SER B 140 5.72 -9.06 15.99
C SER B 140 4.77 -9.20 17.19
N GLN B 141 3.64 -8.52 17.18
CA GLN B 141 2.71 -8.52 18.29
C GLN B 141 1.49 -9.33 17.96
N PHE B 142 1.08 -10.14 18.89
CA PHE B 142 -0.04 -11.02 18.74
C PHE B 142 -1.13 -10.51 19.62
N SER B 143 -2.37 -10.58 19.14
CA SER B 143 -3.47 -10.16 19.98
C SER B 143 -4.79 -10.70 19.53
N THR B 144 -5.67 -10.85 20.50
CA THR B 144 -6.89 -11.49 20.24
C THR B 144 -7.68 -10.46 19.45
N TYR B 145 -8.60 -10.93 18.63
CA TYR B 145 -9.49 -10.03 18.00
C TYR B 145 -10.72 -10.84 17.77
N GLY B 146 -11.73 -10.19 17.18
CA GLY B 146 -12.94 -10.88 16.75
C GLY B 146 -13.88 -10.97 17.94
N ASN B 147 -14.60 -12.07 17.99
CA ASN B 147 -15.53 -12.33 19.09
C ASN B 147 -14.79 -12.62 20.35
N PRO B 148 -15.01 -11.83 21.41
CA PRO B 148 -14.30 -12.12 22.63
C PRO B 148 -14.76 -13.45 23.31
N GLU B 149 -15.87 -14.01 22.82
CA GLU B 149 -16.33 -15.29 23.40
C GLU B 149 -15.76 -16.42 22.60
N ASN B 150 -15.17 -16.13 21.44
CA ASN B 150 -14.42 -17.14 20.69
C ASN B 150 -13.36 -16.45 19.86
N PRO B 151 -12.34 -15.89 20.50
CA PRO B 151 -11.54 -14.90 19.84
C PRO B 151 -10.56 -15.53 18.86
N GLY B 152 -10.20 -14.80 17.80
CA GLY B 152 -9.13 -15.24 16.93
C GLY B 152 -7.83 -14.65 17.45
N MET B 153 -6.72 -15.05 16.85
CA MET B 153 -5.43 -14.48 17.21
C MET B 153 -4.93 -13.75 15.98
N SER B 154 -4.61 -12.48 16.13
CA SER B 154 -4.10 -11.75 15.02
C SER B 154 -2.66 -11.44 15.32
N MET B 155 -1.93 -11.11 14.26
CA MET B 155 -0.56 -10.73 14.37
C MET B 155 -0.29 -9.51 13.55
N ILE B 156 0.60 -8.68 14.05
CA ILE B 156 1.06 -7.51 13.35
C ILE B 156 2.56 -7.71 13.24
N LEU B 157 3.10 -7.70 12.05
CA LEU B 157 4.51 -7.82 11.86
C LEU B 157 5.27 -6.73 12.62
N GLY B 158 6.35 -7.09 13.26
CA GLY B 158 7.15 -6.14 14.01
C GLY B 158 8.16 -5.53 13.09
N PRO B 159 8.57 -4.31 13.31
CA PRO B 159 9.46 -3.70 12.36
C PRO B 159 10.80 -4.33 12.39
N GLN B 160 11.24 -4.86 13.53
CA GLN B 160 12.48 -5.59 13.61
C GLN B 160 12.38 -6.88 12.85
N PHE B 161 11.31 -7.62 13.09
CA PHE B 161 11.05 -8.85 12.37
C PHE B 161 11.12 -8.60 10.87
N MET B 162 10.42 -7.58 10.40
CA MET B 162 10.40 -7.30 8.97
C MET B 162 11.80 -6.91 8.54
N ALA B 163 12.45 -6.04 9.30
CA ALA B 163 13.76 -5.56 8.84
C ALA B 163 14.80 -6.70 8.78
N LEU B 164 14.77 -7.58 9.78
CA LEU B 164 15.81 -8.56 9.99
C LEU B 164 15.51 -9.94 9.40
N LYS B 165 14.24 -10.29 9.28
CA LYS B 165 13.90 -11.66 8.88
C LYS B 165 13.04 -11.81 7.68
N MET B 166 12.50 -10.73 7.17
CA MET B 166 11.68 -10.78 5.94
C MET B 166 12.24 -9.99 4.82
N PHE B 167 12.63 -8.74 5.13
CA PHE B 167 13.09 -7.80 4.10
C PHE B 167 14.58 -7.51 4.11
N GLN B 168 15.37 -8.37 4.73
CA GLN B 168 16.73 -7.98 4.97
C GLN B 168 17.55 -7.85 3.70
N ASN B 169 17.12 -8.46 2.58
CA ASN B 169 17.86 -8.30 1.29
C ASN B 169 17.12 -7.32 0.42
N CYS B 170 16.09 -6.67 0.99
CA CYS B 170 15.32 -5.72 0.20
C CYS B 170 15.84 -4.33 0.43
N SER B 171 15.43 -3.37 -0.41
CA SER B 171 15.81 -1.98 -0.21
C SER B 171 15.13 -1.43 1.06
N VAL B 172 15.69 -0.39 1.64
CA VAL B 172 15.01 0.27 2.75
C VAL B 172 13.68 0.86 2.33
N GLU B 173 13.56 1.23 1.06
CA GLU B 173 12.32 1.72 0.50
C GLU B 173 11.27 0.66 0.55
N ASP B 174 11.61 -0.57 0.22
CA ASP B 174 10.61 -1.62 0.27
C ASP B 174 10.22 -1.94 1.68
N LEU B 175 11.21 -1.96 2.57
CA LEU B 175 10.94 -2.12 3.99
C LEU B 175 9.98 -1.04 4.47
N GLU B 176 10.28 0.21 4.18
CA GLU B 176 9.36 1.31 4.49
C GLU B 176 7.95 1.09 3.96
N LEU B 177 7.84 0.84 2.67
CA LEU B 177 6.57 0.49 2.05
C LEU B 177 5.83 -0.60 2.84
N ALA B 178 6.54 -1.66 3.20
CA ALA B 178 5.94 -2.72 3.99
C ALA B 178 5.45 -2.19 5.34
N LYS B 179 6.22 -1.32 6.01
CA LYS B 179 5.77 -0.83 7.34
C LYS B 179 4.53 0.04 7.14
N MET B 180 4.45 0.69 5.99
CA MET B 180 3.32 1.58 5.72
C MET B 180 2.09 0.81 5.31
N LEU B 181 2.24 -0.47 4.95
CA LEU B 181 1.12 -1.18 4.30
C LEU B 181 0.65 -2.46 4.97
N THR B 182 1.50 -3.02 5.82
CA THR B 182 1.21 -4.30 6.44
C THR B 182 0.01 -4.10 7.39
N ARG B 183 -0.88 -5.08 7.45
CA ARG B 183 -2.08 -4.99 8.27
C ARG B 183 -2.11 -6.24 9.14
N PRO B 184 -2.98 -6.25 10.16
CA PRO B 184 -3.02 -7.46 10.97
C PRO B 184 -3.49 -8.66 10.14
N GLY B 185 -3.01 -9.83 10.52
CA GLY B 185 -3.32 -11.02 9.77
C GLY B 185 -3.58 -12.12 10.78
N SER B 186 -4.18 -13.19 10.31
CA SER B 186 -4.39 -14.38 11.12
C SER B 186 -4.02 -15.59 10.31
N LEU B 187 -3.70 -16.68 10.98
CA LEU B 187 -3.36 -17.93 10.25
C LEU B 187 -4.56 -18.83 10.30
N PHE B 188 -5.60 -18.38 10.96
CA PHE B 188 -6.84 -19.13 10.91
C PHE B 188 -6.69 -20.56 11.41
N PHE B 189 -5.87 -20.70 12.45
CA PHE B 189 -5.48 -22.03 12.90
C PHE B 189 -6.66 -22.82 13.30
N GLN B 190 -7.55 -22.20 14.08
CA GLN B 190 -8.73 -22.88 14.59
C GLN B 190 -9.64 -23.32 13.46
N ASP B 191 -9.79 -22.47 12.45
CA ASP B 191 -10.65 -22.79 11.37
C ASP B 191 -10.00 -23.88 10.51
N LEU B 192 -8.70 -23.76 10.28
CA LEU B 192 -7.97 -24.74 9.49
C LEU B 192 -7.96 -26.10 10.19
N ALA B 193 -8.03 -26.13 11.52
CA ALA B 193 -8.08 -27.35 12.27
C ALA B 193 -9.41 -28.07 12.05
N LYS B 194 -10.43 -27.38 11.56
CA LYS B 194 -11.69 -28.05 11.23
C LYS B 194 -11.96 -28.28 9.73
N ALA B 195 -11.19 -27.66 8.85
CA ALA B 195 -11.21 -27.93 7.39
C ALA B 195 -10.76 -29.38 7.26
N LYS B 196 -11.37 -30.29 6.49
CA LYS B 196 -11.41 -30.40 5.05
C LYS B 196 -10.02 -30.30 4.48
N LYS B 197 -9.28 -31.35 4.79
CA LYS B 197 -7.97 -31.60 4.25
C LYS B 197 -8.04 -31.61 2.69
N PHE B 198 -6.91 -31.32 2.04
CA PHE B 198 -6.84 -31.39 0.61
C PHE B 198 -6.66 -32.85 0.22
N SER B 199 -6.89 -33.18 -1.05
CA SER B 199 -6.82 -34.58 -1.47
C SER B 199 -5.74 -34.74 -2.54
N THR B 200 -5.10 -35.90 -2.53
CA THR B 200 -4.18 -36.25 -3.60
C THR B 200 -4.89 -36.27 -4.95
N GLU B 201 -6.12 -36.78 -4.98
CA GLU B 201 -6.98 -36.76 -6.17
C GLU B 201 -7.11 -35.38 -6.82
N ARG B 202 -7.31 -34.33 -6.00
CA ARG B 202 -7.67 -33.01 -6.53
C ARG B 202 -6.50 -32.05 -6.40
N TYR B 203 -6.29 -31.49 -5.21
CA TYR B 203 -5.07 -30.76 -4.93
C TYR B 203 -3.81 -31.42 -5.53
N GLY B 204 -3.64 -32.71 -5.27
CA GLY B 204 -2.44 -33.39 -5.71
C GLY B 204 -2.34 -33.69 -7.19
N SER B 205 -3.42 -33.47 -7.95
CA SER B 205 -3.40 -33.66 -9.42
C SER B 205 -2.72 -32.45 -10.10
N VAL B 206 -2.59 -31.36 -9.36
CA VAL B 206 -2.07 -30.13 -9.92
C VAL B 206 -0.55 -30.17 -9.87
N LYS B 207 0.08 -29.90 -11.00
CA LYS B 207 1.52 -29.78 -11.02
C LYS B 207 2.02 -28.69 -10.04
N ARG B 208 2.99 -29.06 -9.20
CA ARG B 208 3.53 -28.14 -8.19
C ARG B 208 4.95 -27.72 -8.55
N ALA B 209 5.31 -26.47 -8.28
CA ALA B 209 6.70 -26.08 -8.40
C ALA B 209 7.08 -25.34 -7.13
N TYR B 210 8.37 -25.37 -6.79
CA TYR B 210 8.84 -24.63 -5.64
C TYR B 210 9.99 -23.72 -6.08
N ILE B 211 9.94 -22.47 -5.64
CA ILE B 211 11.07 -21.60 -5.79
C ILE B 211 11.66 -21.41 -4.39
N PHE B 212 12.87 -21.93 -4.22
CA PHE B 212 13.56 -21.75 -2.96
C PHE B 212 14.13 -20.36 -2.94
N CYS B 213 13.99 -19.76 -1.77
CA CYS B 213 14.57 -18.46 -1.47
C CYS B 213 15.56 -18.70 -0.35
N ASN B 214 16.83 -18.80 -0.76
CA ASN B 214 17.91 -19.32 0.08
C ASN B 214 18.26 -18.52 1.31
N GLU B 215 18.11 -17.20 1.23
CA GLU B 215 18.41 -16.35 2.37
C GLU B 215 17.16 -15.90 3.13
N ASP B 216 16.10 -16.69 3.01
CA ASP B 216 14.86 -16.45 3.72
C ASP B 216 15.10 -16.83 5.17
N LYS B 217 14.96 -15.88 6.09
CA LYS B 217 15.24 -16.09 7.52
C LYS B 217 13.96 -16.25 8.29
N SER B 218 12.85 -16.02 7.62
CA SER B 218 11.60 -16.20 8.23
C SER B 218 11.13 -17.65 8.02
N PHE B 219 11.42 -18.20 6.86
CA PHE B 219 11.05 -19.57 6.53
C PHE B 219 12.35 -20.15 5.97
N PRO B 220 13.24 -20.61 6.83
CA PRO B 220 14.59 -20.97 6.37
C PRO B 220 14.59 -22.01 5.24
N VAL B 221 15.65 -21.96 4.43
CA VAL B 221 15.70 -22.78 3.24
C VAL B 221 15.73 -24.27 3.58
N GLU B 222 16.37 -24.65 4.67
CA GLU B 222 16.32 -26.07 5.10
C GLU B 222 14.87 -26.52 5.33
N PHE B 223 13.98 -25.59 5.65
CA PHE B 223 12.60 -25.93 5.97
C PHE B 223 11.77 -25.93 4.68
N GLN B 224 12.18 -25.09 3.74
CA GLN B 224 11.58 -25.10 2.41
C GLN B 224 11.92 -26.43 1.74
N LYS B 225 13.18 -26.80 1.88
CA LYS B 225 13.66 -28.05 1.33
C LYS B 225 12.91 -29.20 1.99
N TRP B 226 12.62 -29.08 3.29
CA TRP B 226 12.00 -30.21 3.97
C TRP B 226 10.57 -30.42 3.41
N PHE B 227 9.86 -29.33 3.13
CA PHE B 227 8.56 -29.41 2.43
C PHE B 227 8.66 -30.04 1.06
N VAL B 228 9.62 -29.60 0.25
CA VAL B 228 9.82 -30.17 -1.07
C VAL B 228 10.20 -31.65 -0.95
N GLU B 229 11.11 -31.96 -0.02
CA GLU B 229 11.50 -33.36 0.25
C GLU B 229 10.29 -34.19 0.63
N SER B 230 9.52 -33.74 1.60
CA SER B 230 8.45 -34.57 2.14
C SER B 230 7.19 -34.65 1.29
N VAL B 231 6.86 -33.55 0.62
CA VAL B 231 5.64 -33.42 -0.18
C VAL B 231 5.95 -33.66 -1.69
N GLY B 232 7.09 -33.16 -2.15
CA GLY B 232 7.48 -33.38 -3.55
C GLY B 232 6.97 -32.24 -4.44
N ALA B 233 7.72 -31.94 -5.48
CA ALA B 233 7.32 -30.92 -6.43
C ALA B 233 7.84 -31.36 -7.76
N ASP B 234 7.16 -30.93 -8.81
CA ASP B 234 7.48 -31.39 -10.15
C ASP B 234 8.68 -30.66 -10.71
N LYS B 235 8.85 -29.41 -10.26
CA LYS B 235 9.96 -28.54 -10.68
C LYS B 235 10.38 -27.78 -9.45
N VAL B 236 11.68 -27.57 -9.27
CA VAL B 236 12.18 -26.66 -8.24
C VAL B 236 13.12 -25.66 -8.88
N LYS B 237 13.16 -24.46 -8.34
CA LYS B 237 14.12 -23.49 -8.77
C LYS B 237 14.65 -22.89 -7.50
N GLU B 238 15.84 -22.29 -7.55
CA GLU B 238 16.39 -21.57 -6.41
C GLU B 238 16.80 -20.16 -6.80
N ILE B 239 16.50 -19.22 -5.91
CA ILE B 239 17.05 -17.91 -5.97
C ILE B 239 18.02 -17.76 -4.78
N LYS B 240 19.30 -17.67 -5.07
CA LYS B 240 20.29 -17.77 -4.02
C LYS B 240 20.20 -16.65 -2.96
N GLU B 241 19.88 -15.43 -3.39
CA GLU B 241 19.96 -14.25 -2.53
C GLU B 241 18.63 -13.59 -2.31
N ALA B 242 17.57 -14.36 -2.48
CA ALA B 242 16.28 -13.88 -2.12
C ALA B 242 16.12 -14.10 -0.63
N ASP B 243 15.58 -13.08 0.02
CA ASP B 243 15.09 -13.22 1.37
C ASP B 243 13.66 -13.75 1.30
N HIS B 244 12.93 -13.61 2.39
CA HIS B 244 11.55 -14.01 2.46
C HIS B 244 10.68 -13.33 1.40
N MET B 245 11.07 -12.14 0.99
CA MET B 245 10.30 -11.37 0.06
C MET B 245 11.02 -11.39 -1.26
N GLY B 246 11.13 -12.57 -1.88
CA GLY B 246 11.98 -12.74 -3.06
C GLY B 246 11.47 -11.89 -4.20
N MET B 247 10.17 -11.62 -4.20
CA MET B 247 9.60 -10.80 -5.27
C MET B 247 9.98 -9.30 -5.09
N LEU B 248 10.59 -8.96 -3.95
CA LEU B 248 11.05 -7.58 -3.71
C LEU B 248 12.57 -7.52 -3.70
N SER B 249 13.22 -8.58 -3.20
CA SER B 249 14.68 -8.60 -3.16
C SER B 249 15.27 -9.06 -4.46
N GLN B 250 14.58 -9.96 -5.14
CA GLN B 250 15.07 -10.51 -6.40
C GLN B 250 13.96 -10.66 -7.44
N PRO B 251 13.24 -9.58 -7.78
CA PRO B 251 12.07 -9.71 -8.67
C PRO B 251 12.40 -10.25 -10.05
N ARG B 252 13.52 -9.85 -10.66
CA ARG B 252 13.87 -10.43 -11.96
C ARG B 252 14.09 -11.95 -11.89
N GLU B 253 14.77 -12.44 -10.87
CA GLU B 253 15.00 -13.87 -10.73
C GLU B 253 13.66 -14.60 -10.51
N VAL B 254 12.78 -14.02 -9.70
CA VAL B 254 11.45 -14.58 -9.52
C VAL B 254 10.71 -14.66 -10.86
N CME B 255 10.82 -13.59 -11.57
CA CME B 255 10.18 -13.52 -12.85
CB CME B 255 10.39 -12.15 -13.49
SG CME B 255 9.70 -12.08 -15.16
SD CME B 255 11.15 -12.46 -16.55
CE CME B 255 12.63 -11.45 -16.26
CZ CME B 255 12.33 -9.97 -16.02
OH CME B 255 11.98 -9.36 -17.27
C CME B 255 10.86 -14.58 -13.76
O CME B 255 10.13 -15.38 -14.32
N LYS B 256 12.13 -14.74 -13.89
CA LYS B 256 12.83 -15.76 -14.70
C LYS B 256 12.54 -17.15 -14.18
N CME B 257 12.22 -17.40 -12.96
CA CME B 257 12.03 -18.77 -12.41
CB CME B 257 12.20 -18.82 -10.90
SG CME B 257 13.95 -18.73 -10.45
SD CME B 257 15.01 -19.96 -11.71
CE CME B 257 15.42 -19.33 -13.40
CZ CME B 257 16.87 -18.86 -13.48
OH CME B 257 17.08 -17.79 -12.54
C CME B 257 10.64 -19.23 -12.71
O CME B 257 10.47 -20.26 -13.32
N LEU B 258 9.84 -18.27 -12.83
CA LEU B 258 8.38 -18.34 -13.01
C LEU B 258 8.11 -18.59 -14.46
N LEU B 259 8.69 -17.79 -15.35
CA LEU B 259 8.61 -18.09 -16.76
C LEU B 259 9.24 -19.43 -17.10
N ASP B 260 10.33 -19.76 -16.43
CA ASP B 260 11.08 -21.00 -16.69
C ASP B 260 10.13 -22.16 -16.35
N ILE B 261 9.59 -22.12 -15.13
CA ILE B 261 8.64 -23.10 -14.60
C ILE B 261 7.37 -23.26 -15.43
N SER B 262 6.84 -22.16 -15.95
CA SER B 262 5.62 -22.15 -16.74
C SER B 262 5.83 -22.47 -18.22
N ASP B 263 7.08 -22.54 -18.67
CA ASP B 263 7.43 -22.79 -20.10
C ASP B 263 7.07 -21.66 -21.08
S SO4 C . -4.88 14.27 -7.41
O1 SO4 C . -5.45 15.62 -7.25
O2 SO4 C . -4.53 14.23 -8.81
O3 SO4 C . -3.73 14.08 -6.45
O4 SO4 C . -5.91 13.25 -7.13
S SO4 D . -6.86 -18.42 15.23
O1 SO4 D . -7.18 -17.03 15.04
O2 SO4 D . -5.50 -18.48 14.50
O3 SO4 D . -6.66 -18.63 16.65
O4 SO4 D . -7.79 -19.26 14.43
#